data_4OH6
#
_entry.id   4OH6
#
_cell.length_a   55.792
_cell.length_b   66.100
_cell.length_c   70.225
_cell.angle_alpha   90.00
_cell.angle_beta   90.00
_cell.angle_gamma   90.00
#
_symmetry.space_group_name_H-M   'P 21 21 21'
#
loop_
_entity.id
_entity.type
_entity.pdbx_description
1 polymer 'Androgen receptor'
2 polymer 'Protein BUD31 homolog'
3 non-polymer HYDROXYFLUTAMIDE
4 non-polymer 'SULFATE ION'
5 water water
#
loop_
_entity_poly.entity_id
_entity_poly.type
_entity_poly.pdbx_seq_one_letter_code
_entity_poly.pdbx_strand_id
1 'polypeptide(L)'
;QPIFLNVLEAIEPGVVCAGHDNNQPDSFAALLSSLNELGERQLVHVVKWAKALPGFRNLHVDDQMAVIQYSWMGLMVFAM
GWRSFTNVNSAMLYFAPDLVFNEYRMHKSRMYSQCVRMRHLSQEFGWLQITPQEFLCMKALLLFSIIPVDGLKNQKFFDE
LRMNYIKELDRIIACKRKNPTSCSRRFYQLTKLLDSVQPIARELHQFAFDLLIKSHMVSVDFPEMMAEIISVQVPKILSG
KVKPIYFHTQ
;
A
2 'polypeptide(L)' KTRYIFDLFYKRKAY B
#
# COMPACT_ATOMS: atom_id res chain seq x y z
N PRO A 2 14.74 18.26 13.60
CA PRO A 2 13.91 17.68 12.54
C PRO A 2 13.69 16.18 12.71
N ILE A 3 13.71 15.71 13.96
CA ILE A 3 13.79 14.27 14.31
C ILE A 3 12.78 13.33 13.61
N PHE A 4 11.50 13.73 13.55
CA PHE A 4 10.46 12.89 12.94
C PHE A 4 10.86 12.43 11.54
N LEU A 5 11.30 13.37 10.71
CA LEU A 5 11.68 13.04 9.35
C LEU A 5 12.89 12.11 9.32
N ASN A 6 13.94 12.46 10.07
CA ASN A 6 15.18 11.67 10.09
C ASN A 6 14.89 10.19 10.07
N VAL A 7 13.75 9.85 10.69
CA VAL A 7 13.31 8.47 10.97
C VAL A 7 12.62 7.84 9.76
N LEU A 8 11.66 8.55 9.16
CA LEU A 8 10.90 8.01 8.05
C LEU A 8 11.78 7.52 6.92
N GLU A 9 12.86 8.28 6.68
CA GLU A 9 13.81 7.96 5.61
C GLU A 9 14.82 6.92 6.06
N ALA A 10 15.28 7.03 7.30
CA ALA A 10 16.19 6.03 7.87
C ALA A 10 15.53 4.65 7.91
N ILE A 11 14.22 4.59 8.10
CA ILE A 11 13.51 3.30 8.12
C ILE A 11 13.08 2.87 6.72
N GLU A 12 12.72 3.85 5.90
CA GLU A 12 12.34 3.66 4.48
C GLU A 12 13.02 2.49 3.75
N PRO A 13 12.23 1.52 3.26
CA PRO A 13 12.73 0.30 2.63
C PRO A 13 13.66 0.54 1.46
N GLY A 14 14.24 -0.54 0.96
CA GLY A 14 15.02 -0.50 -0.27
C GLY A 14 14.21 -0.99 -1.45
N VAL A 15 14.90 -1.29 -2.55
CA VAL A 15 14.28 -1.85 -3.76
C VAL A 15 14.08 -3.36 -3.69
N VAL A 16 12.83 -3.75 -3.77
CA VAL A 16 12.47 -5.14 -3.75
C VAL A 16 12.32 -5.56 -5.20
N CYS A 17 12.78 -6.78 -5.48
CA CYS A 17 12.62 -7.36 -6.81
C CYS A 17 11.49 -8.39 -6.90
N ALA A 18 10.80 -8.39 -8.03
CA ALA A 18 9.72 -9.35 -8.27
C ALA A 18 10.22 -10.77 -8.47
N GLY A 19 11.54 -10.92 -8.65
CA GLY A 19 12.17 -12.21 -8.96
C GLY A 19 11.57 -12.84 -10.20
N HIS A 20 11.55 -12.07 -11.28
CA HIS A 20 10.74 -12.37 -12.46
C HIS A 20 11.60 -12.81 -13.64
N ASP A 21 11.21 -13.95 -14.23
CA ASP A 21 11.82 -14.46 -15.46
C ASP A 21 11.40 -13.59 -16.65
N ASN A 22 12.10 -12.47 -16.82
CA ASN A 22 11.69 -11.49 -17.84
C ASN A 22 11.72 -12.03 -19.28
N ASN A 23 12.16 -13.27 -19.44
CA ASN A 23 12.23 -13.91 -20.76
C ASN A 23 10.89 -14.44 -21.23
N GLN A 24 10.08 -14.96 -20.30
CA GLN A 24 8.75 -15.47 -20.61
C GLN A 24 7.82 -14.36 -21.09
N PRO A 25 7.13 -14.57 -22.23
CA PRO A 25 6.22 -13.57 -22.80
C PRO A 25 5.08 -13.24 -21.86
N ASP A 26 4.43 -12.11 -22.12
CA ASP A 26 3.49 -11.52 -21.17
C ASP A 26 2.19 -12.32 -21.04
N SER A 27 2.25 -13.37 -20.23
CA SER A 27 1.10 -14.22 -19.96
C SER A 27 0.41 -13.81 -18.66
N PHE A 28 -0.93 -13.81 -18.67
CA PHE A 28 -1.71 -13.43 -17.49
C PHE A 28 -1.29 -14.17 -16.21
N ALA A 29 -0.89 -15.44 -16.37
CA ALA A 29 -0.46 -16.30 -15.25
C ALA A 29 0.91 -15.89 -14.73
N ALA A 30 1.90 -15.87 -15.61
CA ALA A 30 3.27 -15.53 -15.23
C ALA A 30 3.38 -14.12 -14.63
N LEU A 31 2.63 -13.17 -15.19
CA LEU A 31 2.65 -11.80 -14.71
C LEU A 31 2.17 -11.75 -13.29
N LEU A 32 1.04 -12.42 -13.03
CA LEU A 32 0.41 -12.33 -11.74
C LEU A 32 1.02 -13.24 -10.72
N SER A 33 1.67 -14.32 -11.17
CA SER A 33 2.43 -15.18 -10.28
C SER A 33 3.74 -14.49 -9.84
N SER A 34 4.07 -13.37 -10.48
CA SER A 34 5.17 -12.52 -10.02
C SER A 34 4.67 -11.46 -9.08
N LEU A 35 3.54 -10.83 -9.40
CA LEU A 35 2.96 -9.82 -8.53
C LEU A 35 2.64 -10.37 -7.15
N ASN A 36 2.23 -11.64 -7.10
CA ASN A 36 1.96 -12.32 -5.83
C ASN A 36 3.17 -12.48 -4.95
N GLU A 37 4.31 -12.83 -5.55
CA GLU A 37 5.59 -12.83 -4.84
C GLU A 37 5.98 -11.42 -4.43
N LEU A 38 5.60 -10.47 -5.28
CA LEU A 38 5.93 -9.08 -5.06
C LEU A 38 5.10 -8.59 -3.89
N GLY A 39 3.81 -8.88 -3.94
CA GLY A 39 2.95 -8.63 -2.79
C GLY A 39 3.63 -9.17 -1.54
N GLU A 40 3.99 -10.45 -1.60
CA GLU A 40 4.60 -11.16 -0.48
C GLU A 40 5.86 -10.45 0.00
N ARG A 41 6.82 -10.28 -0.91
CA ARG A 41 8.08 -9.64 -0.58
C ARG A 41 7.85 -8.24 -0.03
N GLN A 42 7.07 -7.43 -0.76
CA GLN A 42 6.82 -6.08 -0.33
C GLN A 42 6.09 -6.06 1.00
N LEU A 43 5.34 -7.13 1.31
CA LEU A 43 4.71 -7.28 2.64
C LEU A 43 5.70 -7.47 3.78
N VAL A 44 6.63 -8.40 3.60
CA VAL A 44 7.73 -8.59 4.54
C VAL A 44 8.28 -7.24 4.94
N HIS A 45 8.47 -6.39 3.94
CA HIS A 45 9.14 -5.11 4.14
C HIS A 45 8.30 -4.07 4.85
N VAL A 46 6.98 -4.20 4.76
CA VAL A 46 6.10 -3.31 5.51
C VAL A 46 6.14 -3.77 6.98
N VAL A 47 6.11 -5.09 7.16
CA VAL A 47 6.19 -5.72 8.47
C VAL A 47 7.37 -5.14 9.26
N LYS A 48 8.50 -5.00 8.58
CA LYS A 48 9.70 -4.51 9.19
C LYS A 48 9.68 -3.00 9.36
N TRP A 49 9.17 -2.29 8.35
CA TRP A 49 9.12 -0.82 8.31
C TRP A 49 8.20 -0.22 9.38
N ALA A 50 7.02 -0.81 9.49
CA ALA A 50 6.02 -0.37 10.43
C ALA A 50 6.48 -0.63 11.85
N LYS A 51 7.06 -1.80 12.09
CA LYS A 51 7.61 -2.16 13.41
C LYS A 51 8.50 -1.05 13.98
N ALA A 52 9.11 -0.27 13.09
CA ALA A 52 10.09 0.75 13.47
C ALA A 52 9.54 2.18 13.42
N LEU A 53 8.23 2.31 13.21
CA LEU A 53 7.62 3.63 13.14
C LEU A 53 7.59 4.28 14.51
N PRO A 54 7.76 5.63 14.53
CA PRO A 54 7.65 6.46 15.72
C PRO A 54 6.38 6.20 16.54
N GLY A 55 6.54 5.39 17.58
CA GLY A 55 5.42 5.00 18.42
C GLY A 55 4.48 4.02 17.76
N PHE A 56 5.04 3.02 17.08
CA PHE A 56 4.22 1.94 16.53
C PHE A 56 3.95 0.86 17.57
N ARG A 57 5.00 0.49 18.31
CA ARG A 57 4.88 -0.42 19.45
C ARG A 57 4.14 0.23 20.65
N ASN A 58 3.66 1.46 20.46
CA ASN A 58 2.69 2.09 21.36
C ASN A 58 1.33 1.35 21.28
N LEU A 59 0.99 0.86 20.07
CA LEU A 59 -0.28 0.16 19.75
C LEU A 59 -0.33 -1.24 20.31
N HIS A 60 -1.51 -1.84 20.28
CA HIS A 60 -1.62 -3.24 20.66
C HIS A 60 -0.99 -4.08 19.57
N VAL A 61 -0.33 -5.14 19.99
CA VAL A 61 0.29 -6.09 19.10
C VAL A 61 -0.70 -6.68 18.06
N ASP A 62 -1.94 -6.96 18.47
CA ASP A 62 -2.97 -7.44 17.55
C ASP A 62 -3.38 -6.34 16.60
N ASP A 63 -3.44 -5.13 17.17
CA ASP A 63 -3.76 -3.92 16.42
C ASP A 63 -2.66 -3.60 15.41
N GLN A 64 -1.41 -3.65 15.87
CA GLN A 64 -0.25 -3.58 15.01
C GLN A 64 -0.42 -4.49 13.80
N MET A 65 -0.57 -5.79 14.02
CA MET A 65 -0.75 -6.72 12.91
C MET A 65 -1.92 -6.32 12.03
N ALA A 66 -3.05 -6.04 12.69
CA ALA A 66 -4.32 -5.70 12.03
C ALA A 66 -4.17 -4.53 11.07
N VAL A 67 -3.61 -3.43 11.57
CA VAL A 67 -3.43 -2.23 10.77
C VAL A 67 -2.51 -2.50 9.58
N ILE A 68 -1.45 -3.28 9.80
CA ILE A 68 -0.55 -3.69 8.72
C ILE A 68 -1.26 -4.56 7.70
N GLN A 69 -1.98 -5.58 8.20
CA GLN A 69 -2.69 -6.50 7.35
C GLN A 69 -3.65 -5.80 6.41
N TYR A 70 -4.36 -4.79 6.93
CA TYR A 70 -5.30 -4.00 6.10
C TYR A 70 -4.59 -3.04 5.16
N SER A 71 -3.71 -2.19 5.73
CA SER A 71 -3.00 -1.13 5.00
C SER A 71 -2.11 -1.62 3.87
N TRP A 72 -1.37 -2.69 4.16
CA TRP A 72 -0.48 -3.34 3.23
C TRP A 72 -0.68 -2.90 1.79
N MET A 73 -1.89 -3.10 1.27
CA MET A 73 -2.16 -2.78 -0.14
C MET A 73 -1.96 -1.31 -0.45
N GLY A 74 -2.79 -0.50 0.21
CA GLY A 74 -2.83 0.95 0.01
C GLY A 74 -1.44 1.53 -0.04
N LEU A 75 -0.59 1.04 0.85
CA LEU A 75 0.81 1.48 0.90
C LEU A 75 1.56 1.09 -0.37
N MET A 76 1.52 -0.21 -0.71
CA MET A 76 2.25 -0.74 -1.85
C MET A 76 1.91 0.06 -3.11
N VAL A 77 0.62 0.38 -3.26
CA VAL A 77 0.12 1.19 -4.35
C VAL A 77 0.74 2.57 -4.29
N PHE A 78 0.56 3.24 -3.17
CA PHE A 78 1.11 4.59 -2.98
C PHE A 78 2.62 4.64 -3.29
N ALA A 79 3.40 3.81 -2.59
CA ALA A 79 4.84 3.70 -2.83
C ALA A 79 5.15 3.40 -4.30
N MET A 80 4.43 2.42 -4.86
CA MET A 80 4.60 2.00 -6.25
C MET A 80 4.49 3.19 -7.21
N GLY A 81 3.54 4.07 -6.92
CA GLY A 81 3.26 5.28 -7.73
C GLY A 81 4.35 6.34 -7.68
N TRP A 82 5.04 6.42 -6.54
CA TRP A 82 6.22 7.25 -6.43
C TRP A 82 7.31 6.58 -7.24
N ARG A 83 7.45 5.26 -7.08
CA ARG A 83 8.43 4.45 -7.80
C ARG A 83 8.32 4.69 -9.28
N SER A 84 7.09 4.65 -9.79
CA SER A 84 6.86 4.88 -11.20
C SER A 84 7.17 6.32 -11.51
N PHE A 85 6.60 7.22 -10.73
CA PHE A 85 6.80 8.64 -10.93
C PHE A 85 8.28 8.98 -10.95
N THR A 86 8.97 8.68 -9.85
CA THR A 86 10.39 8.97 -9.73
C THR A 86 11.30 8.26 -10.74
N ASN A 87 11.01 7.00 -11.08
CA ASN A 87 11.93 6.24 -11.92
C ASN A 87 11.62 6.28 -13.40
N VAL A 88 10.33 6.32 -13.73
CA VAL A 88 9.94 6.30 -15.14
C VAL A 88 9.28 7.62 -15.56
N ASN A 89 9.36 8.64 -14.68
CA ASN A 89 8.70 9.93 -14.91
C ASN A 89 7.18 9.78 -15.16
N SER A 90 6.66 8.61 -14.75
CA SER A 90 5.24 8.20 -14.83
C SER A 90 4.78 7.61 -16.18
N ALA A 91 5.75 7.21 -17.01
CA ALA A 91 5.50 6.56 -18.32
C ALA A 91 4.91 5.15 -18.22
N MET A 92 5.41 4.36 -17.27
CA MET A 92 4.94 2.99 -17.04
C MET A 92 4.82 2.68 -15.55
N LEU A 93 4.31 1.50 -15.21
CA LEU A 93 4.15 1.13 -13.80
C LEU A 93 5.31 0.32 -13.26
N TYR A 94 6.18 1.02 -12.52
CA TYR A 94 7.43 0.48 -11.92
C TYR A 94 7.20 -0.32 -10.60
N PHE A 95 6.59 -1.49 -10.74
CA PHE A 95 6.31 -2.35 -9.61
C PHE A 95 7.60 -2.72 -8.90
N ALA A 96 8.52 -3.34 -9.64
CA ALA A 96 9.85 -3.68 -9.13
C ALA A 96 10.83 -3.33 -10.23
N PRO A 97 12.14 -3.53 -10.00
CA PRO A 97 13.03 -3.30 -11.13
C PRO A 97 12.69 -4.27 -12.24
N ASP A 98 12.42 -5.52 -11.88
CA ASP A 98 12.19 -6.60 -12.85
C ASP A 98 10.72 -6.81 -13.21
N LEU A 99 9.88 -5.83 -12.92
CA LEU A 99 8.45 -5.91 -13.24
C LEU A 99 7.82 -4.56 -13.57
N VAL A 100 8.37 -3.88 -14.58
CA VAL A 100 7.81 -2.61 -14.98
C VAL A 100 6.70 -2.82 -15.99
N PHE A 101 5.58 -2.17 -15.73
CA PHE A 101 4.37 -2.45 -16.45
C PHE A 101 4.15 -1.51 -17.62
N ASN A 102 4.15 -2.07 -18.83
CA ASN A 102 3.80 -1.32 -20.02
C ASN A 102 2.32 -1.50 -20.41
N GLU A 103 1.81 -0.58 -21.23
CA GLU A 103 0.46 -0.65 -21.78
C GLU A 103 0.00 -2.05 -22.06
N TYR A 104 0.91 -2.83 -22.65
CA TYR A 104 0.63 -4.19 -23.06
C TYR A 104 0.60 -5.12 -21.87
N ARG A 105 1.50 -4.87 -20.91
CA ARG A 105 1.52 -5.62 -19.67
C ARG A 105 0.35 -5.21 -18.80
N MET A 106 0.04 -3.90 -18.78
CA MET A 106 -1.17 -3.39 -18.13
C MET A 106 -2.36 -4.21 -18.59
N HIS A 107 -2.44 -4.37 -19.92
CA HIS A 107 -3.52 -5.10 -20.57
C HIS A 107 -3.44 -6.60 -20.30
N LYS A 108 -2.23 -7.16 -20.28
CA LYS A 108 -2.04 -8.62 -20.20
C LYS A 108 -2.28 -9.25 -18.81
N SER A 109 -2.21 -8.43 -17.77
CA SER A 109 -2.52 -8.84 -16.39
C SER A 109 -4.02 -8.77 -16.11
N ARG A 110 -4.76 -8.27 -17.09
CA ARG A 110 -6.20 -8.03 -16.98
C ARG A 110 -6.53 -7.03 -15.84
N MET A 111 -5.55 -6.18 -15.50
CA MET A 111 -5.70 -5.17 -14.44
C MET A 111 -5.73 -3.76 -15.01
N TYR A 112 -6.15 -3.64 -16.27
CA TYR A 112 -5.98 -2.39 -17.00
C TYR A 112 -6.60 -1.19 -16.26
N SER A 113 -7.89 -1.25 -15.98
CA SER A 113 -8.52 -0.14 -15.29
C SER A 113 -7.70 0.28 -14.07
N GLN A 114 -7.40 -0.68 -13.19
CA GLN A 114 -6.69 -0.37 -11.96
C GLN A 114 -5.34 0.27 -12.24
N CYS A 115 -4.72 -0.13 -13.34
CA CYS A 115 -3.43 0.45 -13.76
C CYS A 115 -3.58 1.89 -14.27
N VAL A 116 -4.64 2.14 -15.03
CA VAL A 116 -4.98 3.50 -15.42
C VAL A 116 -5.02 4.36 -14.16
N ARG A 117 -5.68 3.84 -13.11
CA ARG A 117 -5.78 4.51 -11.81
C ARG A 117 -4.39 4.78 -11.22
N MET A 118 -3.49 3.80 -11.30
CA MET A 118 -2.17 3.90 -10.68
C MET A 118 -1.19 4.76 -11.45
N ARG A 119 -1.23 4.70 -12.78
CA ARG A 119 -0.48 5.62 -13.62
C ARG A 119 -0.98 7.02 -13.29
N HIS A 120 -2.29 7.10 -13.03
CA HIS A 120 -3.01 8.35 -12.74
C HIS A 120 -2.48 9.06 -11.49
N LEU A 121 -2.55 8.36 -10.36
CA LEU A 121 -2.08 8.88 -9.09
C LEU A 121 -0.57 9.07 -9.09
N SER A 122 0.12 8.21 -9.82
CA SER A 122 1.54 8.40 -10.08
C SER A 122 1.74 9.75 -10.76
N GLN A 123 0.86 10.05 -11.72
CA GLN A 123 0.88 11.31 -12.49
C GLN A 123 0.67 12.47 -11.56
N GLU A 124 -0.09 12.24 -10.51
CA GLU A 124 -0.35 13.25 -9.51
C GLU A 124 0.90 13.72 -8.74
N PHE A 125 1.80 12.81 -8.35
CA PHE A 125 3.04 13.21 -7.68
C PHE A 125 3.71 14.29 -8.47
N GLY A 126 3.56 14.15 -9.79
CA GLY A 126 4.06 15.10 -10.74
C GLY A 126 3.30 16.39 -10.62
N TRP A 127 2.09 16.40 -11.18
CA TRP A 127 1.24 17.59 -11.24
C TRP A 127 1.15 18.36 -9.92
N LEU A 128 1.53 17.72 -8.81
CA LEU A 128 1.46 18.34 -7.49
C LEU A 128 2.81 18.65 -6.83
N GLN A 129 3.92 18.51 -7.55
CA GLN A 129 5.24 18.83 -7.00
C GLN A 129 5.38 18.28 -5.58
N ILE A 130 5.18 16.96 -5.48
CA ILE A 130 5.22 16.26 -4.18
C ILE A 130 6.68 16.07 -3.80
N THR A 131 7.06 16.63 -2.65
CA THR A 131 8.42 16.48 -2.11
C THR A 131 8.57 15.04 -1.59
N PRO A 132 9.82 14.56 -1.50
CA PRO A 132 10.03 13.27 -0.86
C PRO A 132 9.59 13.28 0.61
N GLN A 133 9.91 14.34 1.33
CA GLN A 133 9.50 14.49 2.72
C GLN A 133 7.98 14.60 2.90
N GLU A 134 7.29 15.01 1.83
CA GLU A 134 5.83 15.01 1.76
C GLU A 134 5.31 13.61 1.43
N PHE A 135 5.90 12.97 0.42
CA PHE A 135 5.59 11.56 0.09
C PHE A 135 5.77 10.63 1.29
N LEU A 136 6.96 10.66 1.90
CA LEU A 136 7.30 9.79 3.00
C LEU A 136 6.23 9.85 4.06
N CYS A 137 5.84 11.10 4.39
CA CYS A 137 4.87 11.39 5.45
C CYS A 137 3.45 10.91 5.14
N MET A 138 3.04 11.08 3.89
CA MET A 138 1.75 10.61 3.47
C MET A 138 1.70 9.09 3.55
N LYS A 139 2.81 8.44 3.20
CA LYS A 139 2.92 6.98 3.27
C LYS A 139 2.86 6.43 4.72
N ALA A 140 3.62 7.03 5.64
CA ALA A 140 3.55 6.63 7.05
C ALA A 140 2.09 6.72 7.49
N LEU A 141 1.48 7.89 7.26
CA LEU A 141 0.10 8.19 7.63
C LEU A 141 -0.94 7.22 7.04
N LEU A 142 -0.62 6.67 5.86
CA LEU A 142 -1.49 5.69 5.20
C LEU A 142 -1.77 4.43 6.00
N LEU A 143 -0.80 4.03 6.84
CA LEU A 143 -0.99 2.90 7.76
C LEU A 143 -2.16 3.13 8.73
N PHE A 144 -2.41 4.40 9.02
CA PHE A 144 -3.40 4.78 10.01
C PHE A 144 -4.70 5.25 9.37
N SER A 145 -4.91 4.82 8.13
CA SER A 145 -6.03 5.27 7.30
C SER A 145 -7.11 4.19 7.07
N ILE A 146 -7.04 3.10 7.83
CA ILE A 146 -8.06 2.03 7.75
C ILE A 146 -8.22 1.20 9.02
N ILE A 147 -9.46 1.09 9.51
CA ILE A 147 -9.77 0.37 10.75
C ILE A 147 -11.05 -0.50 10.66
N PRO A 148 -11.19 -1.49 11.57
CA PRO A 148 -12.46 -2.18 11.65
C PRO A 148 -13.48 -1.24 12.22
N VAL A 149 -14.75 -1.45 11.90
CA VAL A 149 -15.81 -0.54 12.36
C VAL A 149 -16.18 -0.73 13.84
N ASP A 150 -16.03 -1.95 14.35
CA ASP A 150 -16.14 -2.24 15.79
C ASP A 150 -15.00 -1.59 16.56
N GLY A 151 -13.96 -1.20 15.84
CA GLY A 151 -12.82 -0.54 16.45
C GLY A 151 -11.72 -1.50 16.88
N LEU A 152 -10.55 -0.92 17.13
CA LEU A 152 -9.33 -1.63 17.52
C LEU A 152 -9.31 -2.05 18.99
N LYS A 153 -8.45 -3.02 19.32
CA LYS A 153 -8.25 -3.45 20.71
C LYS A 153 -7.90 -2.28 21.64
N ASN A 154 -7.26 -1.24 21.11
CA ASN A 154 -7.29 0.07 21.75
C ASN A 154 -7.34 1.22 20.77
N GLN A 155 -8.55 1.65 20.45
CA GLN A 155 -8.77 2.76 19.53
C GLN A 155 -8.09 4.02 20.05
N LYS A 156 -8.17 4.20 21.37
CA LYS A 156 -7.64 5.35 22.11
C LYS A 156 -6.19 5.63 21.76
N PHE A 157 -5.31 4.75 22.21
CA PHE A 157 -3.88 4.76 21.89
C PHE A 157 -3.60 4.86 20.37
N PHE A 158 -4.59 4.50 19.55
CA PHE A 158 -4.45 4.55 18.09
C PHE A 158 -4.76 5.92 17.50
N ASP A 159 -5.93 6.43 17.87
CA ASP A 159 -6.37 7.77 17.47
C ASP A 159 -5.27 8.76 17.82
N GLU A 160 -4.75 8.61 19.05
CA GLU A 160 -3.56 9.30 19.53
C GLU A 160 -2.39 9.22 18.56
N LEU A 161 -2.12 8.03 18.06
CA LEU A 161 -1.02 7.84 17.15
C LEU A 161 -1.28 8.62 15.86
N ARG A 162 -2.41 8.31 15.20
CA ARG A 162 -2.80 8.89 13.90
C ARG A 162 -2.82 10.40 13.94
N MET A 163 -3.51 10.95 14.94
CA MET A 163 -3.57 12.39 15.15
C MET A 163 -2.19 13.09 15.16
N ASN A 164 -1.18 12.42 15.69
CA ASN A 164 0.14 12.99 15.72
C ASN A 164 0.91 12.75 14.45
N TYR A 165 0.36 11.93 13.56
CA TYR A 165 0.94 11.76 12.24
C TYR A 165 0.38 12.75 11.23
N ILE A 166 -0.67 13.46 11.62
CA ILE A 166 -1.17 14.55 10.79
C ILE A 166 -0.39 15.81 11.17
N LYS A 167 -0.47 16.21 12.44
CA LYS A 167 0.30 17.33 12.97
C LYS A 167 1.73 17.32 12.42
N GLU A 168 2.22 16.12 12.14
CA GLU A 168 3.55 15.94 11.60
C GLU A 168 3.68 16.35 10.14
N LEU A 169 2.80 15.79 9.32
CA LEU A 169 2.61 16.19 7.92
C LEU A 169 2.16 17.63 7.83
N ASP A 170 1.33 18.04 8.79
CA ASP A 170 0.86 19.41 8.90
C ASP A 170 2.03 20.35 9.17
N ARG A 171 2.96 19.90 9.99
CA ARG A 171 4.20 20.63 10.23
C ARG A 171 5.15 20.57 9.03
N ILE A 172 5.12 19.45 8.31
CA ILE A 172 5.98 19.26 7.13
C ILE A 172 5.51 20.16 5.97
N ILE A 173 4.20 20.41 5.90
CA ILE A 173 3.61 21.40 4.97
C ILE A 173 3.97 22.79 5.49
N ALA A 174 3.56 23.05 6.74
CA ALA A 174 3.81 24.33 7.40
C ALA A 174 5.27 24.43 7.88
N SER A 182 -2.67 30.03 4.36
CA SER A 182 -2.37 29.72 2.96
C SER A 182 -1.65 28.37 2.76
N CYS A 183 -1.31 27.70 3.86
CA CYS A 183 -0.85 26.30 3.88
C CYS A 183 -1.99 25.35 3.58
N SER A 184 -3.17 25.72 4.10
CA SER A 184 -4.41 24.97 3.94
C SER A 184 -4.64 24.59 2.50
N ARG A 185 -4.25 25.48 1.58
CA ARG A 185 -4.31 25.24 0.13
C ARG A 185 -3.65 23.89 -0.18
N ARG A 186 -2.39 23.74 0.25
CA ARG A 186 -1.61 22.50 0.05
C ARG A 186 -2.29 21.32 0.75
N PHE A 187 -2.47 21.48 2.06
CA PHE A 187 -3.14 20.49 2.87
C PHE A 187 -4.22 19.74 2.09
N TYR A 188 -5.27 20.46 1.68
CA TYR A 188 -6.40 19.87 0.95
C TYR A 188 -5.92 18.87 -0.08
N GLN A 189 -5.09 19.36 -1.01
CA GLN A 189 -4.61 18.56 -2.11
C GLN A 189 -4.05 17.24 -1.64
N LEU A 190 -3.18 17.30 -0.64
CA LEU A 190 -2.53 16.10 -0.12
C LEU A 190 -3.49 15.13 0.55
N THR A 191 -4.48 15.67 1.25
CA THR A 191 -5.47 14.84 1.90
C THR A 191 -6.37 14.22 0.83
N LYS A 192 -6.52 14.94 -0.29
CA LYS A 192 -7.26 14.47 -1.48
C LYS A 192 -6.60 13.24 -2.12
N LEU A 193 -5.33 13.40 -2.45
CA LEU A 193 -4.51 12.33 -2.94
C LEU A 193 -4.63 11.13 -1.99
N LEU A 194 -4.36 11.35 -0.70
CA LEU A 194 -4.41 10.30 0.35
C LEU A 194 -5.76 9.59 0.43
N ASP A 195 -6.73 10.16 -0.25
CA ASP A 195 -8.01 9.52 -0.37
C ASP A 195 -8.11 8.72 -1.65
N SER A 196 -7.63 9.28 -2.75
CA SER A 196 -7.64 8.58 -4.05
C SER A 196 -7.11 7.15 -3.93
N VAL A 197 -6.23 6.97 -2.94
CA VAL A 197 -5.57 5.72 -2.64
C VAL A 197 -6.54 4.60 -2.33
N GLN A 198 -7.45 4.84 -1.39
CA GLN A 198 -8.32 3.79 -0.83
C GLN A 198 -9.26 3.17 -1.87
N PRO A 199 -10.01 4.01 -2.61
CA PRO A 199 -10.74 3.55 -3.77
C PRO A 199 -9.99 2.51 -4.63
N ILE A 200 -8.79 2.85 -5.10
CA ILE A 200 -7.91 1.93 -5.83
C ILE A 200 -7.54 0.69 -4.98
N ALA A 201 -6.97 0.92 -3.80
CA ALA A 201 -6.64 -0.17 -2.89
C ALA A 201 -7.73 -1.26 -2.91
N ARG A 202 -8.96 -0.82 -2.63
CA ARG A 202 -10.16 -1.67 -2.65
C ARG A 202 -10.41 -2.37 -3.99
N GLU A 203 -9.99 -1.77 -5.10
CA GLU A 203 -10.16 -2.41 -6.41
C GLU A 203 -9.23 -3.60 -6.62
N LEU A 204 -7.98 -3.45 -6.17
CA LEU A 204 -7.01 -4.53 -6.19
C LEU A 204 -7.38 -5.58 -5.16
N HIS A 205 -7.80 -5.11 -3.99
CA HIS A 205 -8.37 -5.96 -2.95
C HIS A 205 -9.46 -6.82 -3.51
N GLN A 206 -10.22 -6.28 -4.45
CA GLN A 206 -11.30 -7.05 -5.06
C GLN A 206 -10.70 -7.92 -6.12
N PHE A 207 -9.82 -7.35 -6.93
CA PHE A 207 -9.14 -8.09 -8.01
C PHE A 207 -8.40 -9.30 -7.47
N ALA A 208 -7.60 -9.05 -6.43
CA ALA A 208 -6.82 -10.07 -5.75
C ALA A 208 -7.70 -11.18 -5.23
N PHE A 209 -8.82 -10.80 -4.60
CA PHE A 209 -9.75 -11.76 -4.02
C PHE A 209 -10.44 -12.62 -5.06
N ASP A 210 -10.95 -11.98 -6.11
CA ASP A 210 -11.51 -12.73 -7.24
C ASP A 210 -10.50 -13.80 -7.63
N LEU A 211 -9.24 -13.36 -7.78
CA LEU A 211 -8.19 -14.20 -8.29
C LEU A 211 -7.99 -15.42 -7.41
N LEU A 212 -7.91 -15.17 -6.10
CA LEU A 212 -7.59 -16.22 -5.12
C LEU A 212 -8.54 -17.38 -5.24
N ILE A 213 -9.83 -17.06 -5.26
CA ILE A 213 -10.87 -18.07 -5.47
C ILE A 213 -10.55 -18.88 -6.74
N LYS A 214 -10.44 -18.19 -7.89
CA LYS A 214 -10.26 -18.89 -9.18
C LYS A 214 -8.82 -19.21 -9.56
N SER A 215 -7.87 -18.85 -8.71
CA SER A 215 -6.44 -19.15 -8.91
C SER A 215 -6.18 -20.63 -9.18
N HIS A 216 -6.95 -21.51 -8.55
CA HIS A 216 -6.90 -22.95 -8.81
C HIS A 216 -6.96 -23.22 -10.31
N MET A 217 -7.72 -22.40 -11.02
CA MET A 217 -8.03 -22.64 -12.43
C MET A 217 -7.30 -21.76 -13.45
N VAL A 218 -6.98 -20.52 -13.06
CA VAL A 218 -6.19 -19.62 -13.94
C VAL A 218 -4.68 -19.81 -13.83
N SER A 219 -4.25 -20.79 -13.01
CA SER A 219 -2.84 -21.20 -12.87
C SER A 219 -1.91 -20.10 -12.34
N VAL A 220 -2.41 -19.33 -11.37
CA VAL A 220 -1.71 -18.18 -10.79
C VAL A 220 -1.34 -18.43 -9.34
N ASP A 221 -0.04 -18.34 -9.01
CA ASP A 221 0.47 -18.84 -7.73
C ASP A 221 0.59 -17.85 -6.57
N PHE A 222 -0.26 -18.08 -5.57
CA PHE A 222 -0.28 -17.32 -4.33
C PHE A 222 0.62 -18.01 -3.32
N PRO A 223 1.58 -17.26 -2.76
CA PRO A 223 2.35 -17.68 -1.58
C PRO A 223 1.42 -17.95 -0.40
N GLU A 224 1.89 -18.76 0.54
CA GLU A 224 1.04 -19.19 1.64
C GLU A 224 0.44 -17.95 2.30
N MET A 225 1.31 -17.03 2.71
CA MET A 225 0.89 -15.85 3.46
C MET A 225 -0.04 -14.91 2.67
N MET A 226 0.23 -14.79 1.37
CA MET A 226 -0.60 -14.01 0.43
C MET A 226 -2.07 -14.45 0.47
N ALA A 227 -2.27 -15.74 0.22
CA ALA A 227 -3.58 -16.35 0.22
C ALA A 227 -4.25 -16.12 1.55
N GLU A 228 -3.49 -16.29 2.64
CA GLU A 228 -4.05 -16.14 3.99
C GLU A 228 -4.60 -14.74 4.22
N ILE A 229 -3.78 -13.72 3.98
CA ILE A 229 -4.25 -12.36 4.12
C ILE A 229 -5.47 -12.09 3.25
N ILE A 230 -5.41 -12.55 2.00
CA ILE A 230 -6.52 -12.34 1.08
C ILE A 230 -7.76 -13.15 1.47
N SER A 231 -7.51 -14.29 2.13
CA SER A 231 -8.57 -15.25 2.53
C SER A 231 -9.28 -14.89 3.84
N VAL A 232 -8.61 -14.10 4.66
CA VAL A 232 -9.05 -13.91 6.03
C VAL A 232 -9.19 -12.44 6.49
N GLN A 233 -8.38 -11.56 5.90
CA GLN A 233 -8.40 -10.16 6.30
C GLN A 233 -9.07 -9.24 5.27
N VAL A 234 -8.66 -9.40 4.01
CA VAL A 234 -9.25 -8.69 2.88
C VAL A 234 -10.79 -8.84 2.83
N PRO A 235 -11.32 -10.08 3.03
CA PRO A 235 -12.80 -10.20 3.04
C PRO A 235 -13.47 -9.25 4.05
N LYS A 236 -12.82 -9.03 5.20
CA LYS A 236 -13.32 -8.13 6.23
C LYS A 236 -13.60 -6.76 5.63
N ILE A 237 -12.65 -6.28 4.83
CA ILE A 237 -12.75 -4.97 4.15
C ILE A 237 -13.86 -5.01 3.11
N LEU A 238 -13.76 -5.99 2.21
CA LEU A 238 -14.73 -6.14 1.15
C LEU A 238 -16.13 -6.27 1.72
N SER A 239 -16.29 -6.97 2.84
CA SER A 239 -17.59 -7.14 3.46
C SER A 239 -18.03 -5.90 4.26
N GLY A 240 -17.30 -4.81 4.14
CA GLY A 240 -17.64 -3.59 4.87
C GLY A 240 -17.41 -3.65 6.38
N LYS A 241 -16.90 -4.77 6.87
CA LYS A 241 -16.53 -4.88 8.26
C LYS A 241 -15.48 -3.82 8.56
N VAL A 242 -14.44 -3.78 7.72
CA VAL A 242 -13.30 -2.86 7.87
C VAL A 242 -13.33 -1.74 6.83
N LYS A 243 -13.43 -0.49 7.26
CA LYS A 243 -13.56 0.61 6.30
C LYS A 243 -12.43 1.59 6.47
N PRO A 244 -12.00 2.25 5.37
CA PRO A 244 -10.90 3.20 5.48
C PRO A 244 -11.37 4.57 5.95
N ILE A 245 -10.50 5.31 6.61
CA ILE A 245 -10.84 6.64 7.13
C ILE A 245 -10.53 7.74 6.10
N TYR A 246 -11.54 8.18 5.36
CA TYR A 246 -11.36 9.27 4.39
C TYR A 246 -11.30 10.63 5.11
N PHE A 247 -10.63 11.59 4.50
CA PHE A 247 -10.54 12.92 5.08
C PHE A 247 -11.78 13.72 4.74
N HIS A 248 -12.16 13.72 3.47
CA HIS A 248 -13.34 14.41 2.97
C HIS A 248 -14.36 13.37 2.59
N THR A 249 -15.65 13.64 2.80
CA THR A 249 -16.69 12.76 2.21
C THR A 249 -17.12 13.30 0.82
N GLN A 250 -17.14 12.47 -0.24
CA GLN A 250 -16.75 11.03 -0.31
C GLN A 250 -16.44 10.32 1.01
N TYR B 4 -2.67 -17.46 11.53
CA TYR B 4 -1.88 -18.44 10.74
C TYR B 4 -0.42 -18.00 10.65
N ILE B 5 -0.01 -17.57 9.46
CA ILE B 5 1.41 -17.38 9.12
C ILE B 5 1.89 -15.94 9.26
N PHE B 6 0.95 -15.01 9.38
CA PHE B 6 1.31 -13.61 9.59
C PHE B 6 1.80 -13.36 11.02
N ASP B 7 1.10 -13.96 11.98
CA ASP B 7 1.40 -13.76 13.39
C ASP B 7 2.71 -14.43 13.77
N LEU B 8 3.06 -15.48 13.03
CA LEU B 8 4.39 -16.11 13.09
C LEU B 8 5.45 -15.12 12.62
N PHE B 9 5.17 -14.44 11.51
CA PHE B 9 6.06 -13.39 11.00
C PHE B 9 6.14 -12.21 11.98
N TYR B 10 5.25 -12.22 12.96
CA TYR B 10 5.25 -11.16 13.95
C TYR B 10 5.92 -11.59 15.25
N LYS B 11 6.68 -12.68 15.20
CA LYS B 11 7.63 -13.04 16.27
C LYS B 11 9.02 -13.45 15.75
N ARG B 12 9.26 -13.23 14.45
CA ARG B 12 10.59 -13.30 13.84
C ARG B 12 11.06 -11.89 13.45
#